data_3BES
#
_entry.id   3BES
#
_cell.length_a   92.63
_cell.length_b   119.13
_cell.length_c   184.74
_cell.angle_alpha   90
_cell.angle_beta   90
_cell.angle_gamma   90
#
_symmetry.space_group_name_H-M   'I 2 2 2'
#
loop_
_entity.id
_entity.type
_entity.pdbx_description
1 polymer 'Interferon gamma'
2 polymer 'Interferon-gamma binding protein C4R'
3 branched beta-D-mannopyranose-(1-4)-2-acetamido-2-deoxy-beta-D-glucopyranose-(1-4)-2-acetamido-2-deoxy-beta-D-glucopyranose
4 non-polymer 'PHOSPHATE ION'
5 non-polymer 2-acetamido-2-deoxy-beta-D-glucopyranose
6 water water
#
loop_
_entity_poly.entity_id
_entity_poly.type
_entity_poly.pdbx_seq_one_letter_code
_entity_poly.pdbx_strand_id
1 'polypeptide(L)'
;MQDPYVKEAENLKKYFNAGHSDVADNGTLFLGILKNWKEESDRKIMQSQIVSFYFKLFKNFKDDQSIQKSVETIKEDMNV
KFFNSNKKKRDDFEKLTNYSVTDLNVQRKAIHELIQVMAELSPAAKTGKRKRSQMLFRG
;
L
2 'polypeptide(L)'
;TITSYKFESVNFDSKIEWTGNGLYNISLRNYGIKTWQTMYTNVPEGTYDISGFPNNDFVSFWVKFEQGDYKVDKYCTGLC
IEVKIGPPTVTLTEYDDHINLYIEHPYATRGSKKIPIYKRNDMCDIYLLYTANFTFGDSEEPVIYDIDDYDCTSTGCSID
FATTEKVCVMAQGATEGLLDKITPWSSEVCLTPKKNVYTCAIRSKEDVPNFKEKMTRVIKRKFNKQSHSYLTKFLGSTSN
DITTFLSMLD
;
R
#
loop_
_chem_comp.id
_chem_comp.type
_chem_comp.name
_chem_comp.formula
BMA D-saccharide, beta linking beta-D-mannopyranose 'C6 H12 O6'
NAG D-saccharide, beta linking 2-acetamido-2-deoxy-beta-D-glucopyranose 'C8 H15 N O6'
PO4 non-polymer 'PHOSPHATE ION' 'O4 P -3'
#
# COMPACT_ATOMS: atom_id res chain seq x y z
N MET A 1 -9.12 -1.37 -6.76
CA MET A 1 -7.94 -2.27 -6.82
C MET A 1 -7.38 -2.30 -8.24
N GLN A 2 -7.47 -1.16 -8.93
CA GLN A 2 -6.97 -1.06 -10.31
C GLN A 2 -6.87 0.36 -10.89
N ASP A 3 -6.28 0.44 -12.07
CA ASP A 3 -6.09 1.69 -12.80
C ASP A 3 -7.41 2.26 -13.34
N PRO A 4 -8.36 1.39 -13.74
CA PRO A 4 -9.65 1.84 -14.28
C PRO A 4 -10.42 2.68 -13.26
N TYR A 5 -10.33 2.31 -11.99
CA TYR A 5 -11.03 3.05 -10.93
C TYR A 5 -10.49 4.48 -10.85
N VAL A 6 -9.18 4.63 -10.97
CA VAL A 6 -8.55 5.93 -10.93
C VAL A 6 -8.98 6.72 -12.17
N LYS A 7 -8.96 6.06 -13.31
CA LYS A 7 -9.35 6.69 -14.56
C LYS A 7 -10.77 7.23 -14.48
N GLU A 8 -11.70 6.44 -13.96
CA GLU A 8 -13.09 6.92 -13.86
C GLU A 8 -13.26 8.00 -12.81
N ALA A 9 -12.51 7.92 -11.71
CA ALA A 9 -12.60 8.95 -10.69
C ALA A 9 -12.13 10.28 -11.32
N GLU A 10 -11.07 10.23 -12.11
CA GLU A 10 -10.58 11.43 -12.76
C GLU A 10 -11.61 11.98 -13.76
N ASN A 11 -12.28 11.09 -14.49
CA ASN A 11 -13.29 11.52 -15.44
C ASN A 11 -14.39 12.29 -14.69
N LEU A 12 -14.75 11.81 -13.50
CA LEU A 12 -15.77 12.49 -12.71
C LEU A 12 -15.28 13.84 -12.24
N LYS A 13 -13.99 13.94 -11.91
CA LYS A 13 -13.43 15.21 -11.47
C LYS A 13 -13.59 16.24 -12.59
N LYS A 14 -13.32 15.83 -13.82
CA LYS A 14 -13.46 16.71 -14.97
C LYS A 14 -14.91 17.10 -15.20
N TYR A 15 -15.80 16.11 -15.20
CA TYR A 15 -17.22 16.34 -15.42
C TYR A 15 -17.80 17.35 -14.42
N PHE A 16 -17.43 17.22 -13.15
CA PHE A 16 -17.92 18.11 -12.12
C PHE A 16 -17.13 19.42 -12.04
N ASN A 17 -16.15 19.58 -12.92
CA ASN A 17 -15.33 20.78 -12.95
C ASN A 17 -14.74 21.02 -11.56
N ALA A 18 -14.20 19.96 -10.97
CA ALA A 18 -13.61 20.04 -9.64
C ALA A 18 -12.08 20.01 -9.65
N GLY A 19 -11.49 20.54 -10.72
CA GLY A 19 -10.04 20.56 -10.83
C GLY A 19 -9.40 21.93 -10.75
N HIS A 20 -10.15 22.93 -10.29
CA HIS A 20 -9.62 24.29 -10.17
C HIS A 20 -8.97 24.47 -8.80
N SER A 21 -7.88 25.23 -8.75
CA SER A 21 -7.15 25.45 -7.50
C SER A 21 -7.97 25.97 -6.33
N ASP A 22 -9.10 26.61 -6.63
CA ASP A 22 -9.95 27.17 -5.57
C ASP A 22 -10.84 26.11 -4.91
N VAL A 23 -10.87 24.91 -5.48
CA VAL A 23 -11.68 23.83 -4.91
C VAL A 23 -11.07 23.45 -3.56
N ALA A 24 -9.75 23.57 -3.49
CA ALA A 24 -8.97 23.25 -2.29
C ALA A 24 -9.32 24.10 -1.07
N ASP A 25 -10.09 25.16 -1.27
CA ASP A 25 -10.46 26.02 -0.15
C ASP A 25 -11.23 25.26 0.92
N ASN A 26 -11.18 25.80 2.14
CA ASN A 26 -11.86 25.22 3.30
C ASN A 26 -11.47 23.79 3.62
N GLY A 27 -10.20 23.59 3.99
CA GLY A 27 -9.71 22.27 4.35
C GLY A 27 -10.28 21.14 3.49
N THR A 28 -10.65 20.04 4.12
CA THR A 28 -11.19 18.91 3.39
C THR A 28 -12.47 18.38 4.02
N LEU A 29 -13.20 17.56 3.27
CA LEU A 29 -14.44 16.97 3.76
C LEU A 29 -14.17 15.71 4.52
N PHE A 30 -13.45 14.79 3.88
CA PHE A 30 -13.16 13.47 4.43
C PHE A 30 -11.71 13.14 4.74
N LEU A 31 -10.77 13.77 4.05
CA LEU A 31 -9.36 13.47 4.26
C LEU A 31 -8.87 13.58 5.70
N GLY A 32 -9.13 14.72 6.34
CA GLY A 32 -8.70 14.91 7.71
C GLY A 32 -9.33 13.93 8.68
N ILE A 33 -10.63 13.73 8.55
CA ILE A 33 -11.37 12.82 9.43
C ILE A 33 -10.84 11.39 9.31
N LEU A 34 -10.67 10.90 8.10
CA LEU A 34 -10.17 9.54 7.91
C LEU A 34 -8.77 9.40 8.49
N LYS A 35 -8.04 10.51 8.57
CA LYS A 35 -6.69 10.47 9.10
C LYS A 35 -6.69 10.39 10.64
N ASN A 36 -7.74 10.93 11.26
CA ASN A 36 -7.86 10.91 12.73
C ASN A 36 -8.15 9.54 13.33
N TRP A 37 -8.69 8.61 12.55
CA TRP A 37 -9.05 7.30 13.08
C TRP A 37 -8.39 6.11 12.41
N LYS A 38 -7.55 5.40 13.14
CA LYS A 38 -6.85 4.25 12.60
C LYS A 38 -7.38 2.90 13.07
N GLU A 39 -8.07 2.87 14.21
CA GLU A 39 -8.63 1.60 14.69
C GLU A 39 -9.72 1.20 13.69
N GLU A 40 -9.73 -0.06 13.29
CA GLU A 40 -10.69 -0.56 12.31
C GLU A 40 -12.13 -0.21 12.63
N SER A 41 -12.55 -0.39 13.88
CA SER A 41 -13.92 -0.07 14.27
C SER A 41 -14.26 1.40 14.08
N ASP A 42 -13.37 2.28 14.52
CA ASP A 42 -13.61 3.71 14.35
C ASP A 42 -13.65 4.07 12.87
N ARG A 43 -12.78 3.45 12.08
CA ARG A 43 -12.75 3.71 10.64
C ARG A 43 -14.06 3.34 9.96
N LYS A 44 -14.59 2.16 10.29
CA LYS A 44 -15.84 1.70 9.70
C LYS A 44 -16.98 2.65 10.03
N ILE A 45 -16.99 3.16 11.25
CA ILE A 45 -18.03 4.09 11.66
C ILE A 45 -18.03 5.33 10.77
N MET A 46 -16.84 5.86 10.49
CA MET A 46 -16.71 7.04 9.65
C MET A 46 -16.94 6.71 8.16
N GLN A 47 -16.32 5.63 7.69
CA GLN A 47 -16.47 5.24 6.29
C GLN A 47 -17.92 4.95 5.93
N SER A 48 -18.67 4.37 6.86
CA SER A 48 -20.07 4.06 6.61
C SER A 48 -20.81 5.33 6.23
N GLN A 49 -20.56 6.41 6.97
CA GLN A 49 -21.20 7.70 6.69
C GLN A 49 -20.68 8.33 5.38
N ILE A 50 -19.40 8.12 5.08
CA ILE A 50 -18.84 8.67 3.85
C ILE A 50 -19.40 7.89 2.64
N VAL A 51 -19.50 6.57 2.77
CA VAL A 51 -20.03 5.75 1.68
C VAL A 51 -21.50 6.09 1.41
N SER A 52 -22.29 6.28 2.47
CA SER A 52 -23.70 6.62 2.26
C SER A 52 -23.78 8.01 1.63
N PHE A 53 -22.83 8.88 1.96
CA PHE A 53 -22.84 10.21 1.36
C PHE A 53 -22.67 10.07 -0.15
N TYR A 54 -21.67 9.30 -0.58
CA TYR A 54 -21.42 9.12 -1.99
C TYR A 54 -22.57 8.43 -2.74
N PHE A 55 -23.19 7.43 -2.12
CA PHE A 55 -24.31 6.75 -2.78
C PHE A 55 -25.44 7.74 -3.01
N LYS A 56 -25.68 8.60 -2.03
CA LYS A 56 -26.75 9.58 -2.16
C LYS A 56 -26.40 10.61 -3.24
N LEU A 57 -25.14 11.03 -3.29
CA LEU A 57 -24.69 11.98 -4.29
C LEU A 57 -24.87 11.40 -5.70
N PHE A 58 -24.42 10.16 -5.87
CA PHE A 58 -24.52 9.49 -7.16
C PHE A 58 -25.98 9.31 -7.58
N LYS A 59 -26.82 9.00 -6.60
CA LYS A 59 -28.24 8.81 -6.86
C LYS A 59 -28.84 10.09 -7.43
N ASN A 60 -28.36 11.24 -6.95
CA ASN A 60 -28.84 12.54 -7.41
C ASN A 60 -28.40 12.89 -8.83
N PHE A 61 -27.65 12.00 -9.46
CA PHE A 61 -27.18 12.23 -10.83
C PHE A 61 -27.35 11.00 -11.70
N LYS A 62 -28.35 10.17 -11.37
CA LYS A 62 -28.60 8.95 -12.13
C LYS A 62 -29.16 9.23 -13.52
N ASP A 63 -29.33 10.50 -13.86
CA ASP A 63 -29.86 10.88 -15.17
C ASP A 63 -28.74 11.17 -16.17
N ASP A 64 -27.67 11.82 -15.71
CA ASP A 64 -26.55 12.12 -16.59
C ASP A 64 -25.99 10.82 -17.12
N GLN A 65 -26.28 10.53 -18.38
CA GLN A 65 -25.82 9.30 -19.03
C GLN A 65 -24.31 9.27 -19.25
N SER A 66 -23.76 10.42 -19.62
CA SER A 66 -22.33 10.55 -19.90
C SER A 66 -21.38 10.04 -18.81
N ILE A 67 -21.78 10.18 -17.55
CA ILE A 67 -20.93 9.76 -16.44
C ILE A 67 -21.40 8.50 -15.75
N GLN A 68 -22.47 7.91 -16.25
CA GLN A 68 -23.01 6.72 -15.62
C GLN A 68 -21.98 5.59 -15.54
N LYS A 69 -21.17 5.41 -16.57
CA LYS A 69 -20.17 4.35 -16.51
C LYS A 69 -19.14 4.64 -15.42
N SER A 70 -18.77 5.90 -15.27
CA SER A 70 -17.81 6.29 -14.25
C SER A 70 -18.37 5.96 -12.87
N VAL A 71 -19.60 6.37 -12.63
CA VAL A 71 -20.28 6.13 -11.36
C VAL A 71 -20.40 4.65 -11.07
N GLU A 72 -20.82 3.87 -12.07
CA GLU A 72 -20.98 2.43 -11.91
C GLU A 72 -19.66 1.76 -11.53
N THR A 73 -18.57 2.24 -12.12
CA THR A 73 -17.25 1.68 -11.82
C THR A 73 -16.84 2.02 -10.39
N ILE A 74 -17.10 3.27 -9.95
CA ILE A 74 -16.76 3.69 -8.59
C ILE A 74 -17.57 2.86 -7.58
N LYS A 75 -18.88 2.77 -7.81
CA LYS A 75 -19.73 2.00 -6.91
C LYS A 75 -19.24 0.57 -6.80
N GLU A 76 -18.78 0.00 -7.91
CA GLU A 76 -18.30 -1.38 -7.86
C GLU A 76 -17.04 -1.47 -6.99
N ASP A 77 -16.15 -0.49 -7.09
CA ASP A 77 -14.96 -0.53 -6.25
C ASP A 77 -15.36 -0.48 -4.78
N MET A 78 -16.42 0.26 -4.47
CA MET A 78 -16.91 0.35 -3.10
C MET A 78 -17.56 -0.96 -2.67
N ASN A 79 -18.27 -1.62 -3.58
CA ASN A 79 -18.89 -2.90 -3.24
C ASN A 79 -17.81 -3.89 -2.87
N VAL A 80 -16.72 -3.87 -3.63
CA VAL A 80 -15.61 -4.79 -3.39
C VAL A 80 -14.83 -4.47 -2.11
N LYS A 81 -14.40 -3.23 -1.96
CA LYS A 81 -13.60 -2.81 -0.79
C LYS A 81 -14.32 -2.59 0.53
N PHE A 82 -15.48 -1.93 0.48
CA PHE A 82 -16.22 -1.65 1.70
C PHE A 82 -17.21 -2.75 2.09
N PHE A 83 -17.91 -3.31 1.11
CA PHE A 83 -18.89 -4.36 1.39
C PHE A 83 -18.32 -5.77 1.19
N ASN A 84 -17.05 -5.85 0.82
CA ASN A 84 -16.39 -7.13 0.59
C ASN A 84 -17.13 -7.98 -0.43
N SER A 85 -17.77 -7.34 -1.40
CA SER A 85 -18.53 -8.03 -2.44
C SER A 85 -19.73 -8.83 -1.92
N ASN A 86 -20.15 -8.55 -0.70
CA ASN A 86 -21.30 -9.25 -0.12
C ASN A 86 -22.58 -8.48 -0.43
N LYS A 87 -23.38 -9.02 -1.35
CA LYS A 87 -24.63 -8.38 -1.77
C LYS A 87 -25.65 -8.17 -0.64
N LYS A 88 -25.71 -9.11 0.30
CA LYS A 88 -26.66 -8.99 1.40
C LYS A 88 -26.25 -7.83 2.31
N LYS A 89 -24.94 -7.70 2.53
CA LYS A 89 -24.40 -6.65 3.37
C LYS A 89 -24.73 -5.29 2.75
N ARG A 90 -24.56 -5.19 1.43
CA ARG A 90 -24.85 -3.94 0.73
C ARG A 90 -26.35 -3.62 0.76
N ASP A 91 -27.17 -4.64 0.58
CA ASP A 91 -28.63 -4.44 0.59
C ASP A 91 -29.13 -3.99 1.96
N ASP A 92 -28.62 -4.60 3.03
CA ASP A 92 -29.04 -4.19 4.36
C ASP A 92 -28.61 -2.74 4.58
N PHE A 93 -27.38 -2.41 4.19
CA PHE A 93 -26.86 -1.05 4.34
C PHE A 93 -27.79 -0.08 3.63
N GLU A 94 -28.09 -0.35 2.37
CA GLU A 94 -28.97 0.52 1.61
C GLU A 94 -30.38 0.62 2.20
N LYS A 95 -30.84 -0.46 2.80
CA LYS A 95 -32.16 -0.44 3.44
C LYS A 95 -32.11 0.58 4.59
N LEU A 96 -31.08 0.50 5.43
CA LEU A 96 -30.96 1.44 6.53
C LEU A 96 -30.94 2.89 6.06
N THR A 97 -30.13 3.19 5.05
CA THR A 97 -30.01 4.57 4.56
C THR A 97 -31.29 5.12 3.93
N ASN A 98 -32.20 4.26 3.52
CA ASN A 98 -33.43 4.73 2.88
C ASN A 98 -34.62 4.95 3.83
N TYR A 99 -34.49 4.52 5.09
CA TYR A 99 -35.59 4.72 6.02
C TYR A 99 -35.83 6.22 6.18
N SER A 100 -37.10 6.62 6.16
CA SER A 100 -37.46 8.02 6.29
C SER A 100 -37.78 8.41 7.73
N VAL A 101 -37.10 9.44 8.23
CA VAL A 101 -37.33 9.92 9.59
C VAL A 101 -38.63 10.70 9.74
N THR A 102 -39.24 11.12 8.64
CA THR A 102 -40.48 11.87 8.72
C THR A 102 -41.72 10.98 8.63
N ASP A 103 -41.52 9.73 8.25
CA ASP A 103 -42.64 8.79 8.16
C ASP A 103 -43.08 8.41 9.57
N LEU A 104 -44.30 8.80 9.93
CA LEU A 104 -44.86 8.53 11.25
C LEU A 104 -44.77 7.08 11.69
N ASN A 105 -45.01 6.14 10.77
CA ASN A 105 -44.95 4.73 11.09
C ASN A 105 -43.51 4.29 11.36
N VAL A 106 -42.58 4.77 10.55
CA VAL A 106 -41.17 4.42 10.73
C VAL A 106 -40.73 4.93 12.09
N GLN A 107 -41.15 6.14 12.43
CA GLN A 107 -40.80 6.75 13.71
C GLN A 107 -41.21 5.88 14.90
N ARG A 108 -42.44 5.36 14.86
CA ARG A 108 -42.93 4.52 15.94
C ARG A 108 -42.13 3.24 16.09
N LYS A 109 -41.80 2.62 14.96
CA LYS A 109 -41.02 1.39 14.99
C LYS A 109 -39.61 1.68 15.51
N ALA A 110 -39.04 2.80 15.11
CA ALA A 110 -37.70 3.15 15.57
C ALA A 110 -37.72 3.34 17.08
N ILE A 111 -38.68 4.11 17.58
CA ILE A 111 -38.76 4.34 19.01
C ILE A 111 -39.02 3.03 19.74
N HIS A 112 -39.86 2.19 19.16
CA HIS A 112 -40.16 0.92 19.81
C HIS A 112 -38.93 0.00 19.92
N GLU A 113 -38.07 0.04 18.91
CA GLU A 113 -36.88 -0.82 18.89
C GLU A 113 -35.64 -0.21 19.57
N LEU A 114 -35.79 1.00 20.08
CA LEU A 114 -34.68 1.72 20.71
C LEU A 114 -33.91 0.95 21.78
N ILE A 115 -34.62 0.34 22.73
CA ILE A 115 -33.95 -0.41 23.80
C ILE A 115 -33.16 -1.58 23.25
N GLN A 116 -33.68 -2.26 22.23
CA GLN A 116 -32.96 -3.40 21.67
C GLN A 116 -31.71 -2.90 20.94
N VAL A 117 -31.82 -1.77 20.26
CA VAL A 117 -30.68 -1.21 19.56
C VAL A 117 -29.60 -0.87 20.60
N MET A 118 -30.00 -0.20 21.67
CA MET A 118 -29.06 0.16 22.73
C MET A 118 -28.37 -1.09 23.28
N ALA A 119 -29.14 -2.17 23.43
CA ALA A 119 -28.56 -3.41 23.93
C ALA A 119 -27.57 -3.99 22.93
N GLU A 120 -27.78 -3.70 21.65
CA GLU A 120 -26.92 -4.21 20.58
C GLU A 120 -25.62 -3.40 20.44
N LEU A 121 -25.62 -2.14 20.91
CA LEU A 121 -24.43 -1.30 20.81
C LEU A 121 -23.37 -1.80 21.78
N SER A 122 -23.82 -2.37 22.90
CA SER A 122 -22.92 -2.92 23.90
C SER A 122 -23.35 -4.34 24.26
N PRO A 123 -23.07 -5.31 23.36
CA PRO A 123 -23.42 -6.72 23.56
C PRO A 123 -23.04 -7.22 24.95
N ALA A 124 -24.04 -7.69 25.69
CA ALA A 124 -23.86 -8.18 27.05
C ALA A 124 -22.77 -9.24 27.22
N ALA A 125 -22.91 -10.36 26.51
CA ALA A 125 -21.93 -11.44 26.60
C ALA A 125 -20.56 -11.04 26.05
N LYS A 126 -20.49 -9.89 25.40
CA LYS A 126 -19.25 -9.40 24.83
C LYS A 126 -18.54 -8.34 25.67
N THR A 127 -19.24 -7.78 26.65
CA THR A 127 -18.63 -6.78 27.53
C THR A 127 -17.79 -7.56 28.54
N GLY A 128 -16.47 -7.51 28.36
CA GLY A 128 -15.56 -8.23 29.23
C GLY A 128 -15.63 -8.07 30.74
N LYS A 129 -16.82 -7.87 31.31
CA LYS A 129 -16.94 -7.74 32.75
C LYS A 129 -16.67 -9.08 33.44
N ARG A 130 -15.64 -9.11 34.27
CA ARG A 130 -15.24 -10.33 34.98
C ARG A 130 -15.69 -10.40 36.43
N LYS A 131 -15.80 -9.25 37.09
CA LYS A 131 -16.20 -9.21 38.49
C LYS A 131 -17.18 -8.08 38.76
N ARG A 132 -17.90 -8.21 39.88
CA ARG A 132 -18.86 -7.19 40.28
C ARG A 132 -18.13 -5.91 40.66
N SER A 133 -18.65 -4.77 40.22
CA SER A 133 -18.06 -3.48 40.52
C SER A 133 -18.21 -3.10 41.98
N THR B 1 4.87 34.42 -20.75
CA THR B 1 3.88 33.35 -21.02
C THR B 1 4.55 31.98 -21.06
N ILE B 2 3.99 31.02 -20.33
CA ILE B 2 4.52 29.67 -20.27
C ILE B 2 4.11 28.93 -21.54
N THR B 3 5.09 28.55 -22.34
CA THR B 3 4.81 27.88 -23.61
C THR B 3 4.86 26.35 -23.58
N SER B 4 5.46 25.79 -22.56
CA SER B 4 5.52 24.33 -22.40
C SER B 4 5.77 24.04 -20.93
N TYR B 5 5.15 22.98 -20.44
CA TYR B 5 5.30 22.60 -19.04
C TYR B 5 5.13 21.10 -18.88
N LYS B 6 5.96 20.51 -18.04
CA LYS B 6 5.89 19.09 -17.77
C LYS B 6 6.35 18.79 -16.35
N PHE B 7 5.57 18.00 -15.64
CA PHE B 7 5.89 17.59 -14.29
C PHE B 7 6.27 16.11 -14.34
N GLU B 8 7.31 15.74 -13.59
CA GLU B 8 7.76 14.36 -13.54
C GLU B 8 8.27 14.06 -12.15
N SER B 9 8.05 12.84 -11.67
CA SER B 9 8.52 12.44 -10.35
C SER B 9 8.91 10.98 -10.35
N VAL B 10 10.16 10.71 -10.04
CA VAL B 10 10.69 9.36 -9.97
C VAL B 10 11.16 9.16 -8.53
N ASN B 11 10.60 8.17 -7.85
CA ASN B 11 10.93 7.89 -6.46
C ASN B 11 10.78 9.13 -5.59
N PHE B 12 9.75 9.92 -5.91
CA PHE B 12 9.43 11.14 -5.18
C PHE B 12 10.39 12.31 -5.34
N ASP B 13 11.25 12.23 -6.34
CA ASP B 13 12.16 13.34 -6.64
C ASP B 13 11.37 14.04 -7.75
N SER B 14 10.61 15.05 -7.38
CA SER B 14 9.76 15.78 -8.31
C SER B 14 10.44 16.94 -9.02
N LYS B 15 10.22 17.04 -10.33
CA LYS B 15 10.81 18.10 -11.12
C LYS B 15 9.81 18.67 -12.13
N ILE B 16 9.98 19.95 -12.45
CA ILE B 16 9.14 20.59 -13.44
C ILE B 16 10.06 21.11 -14.53
N GLU B 17 9.64 20.95 -15.77
CA GLU B 17 10.41 21.39 -16.93
C GLU B 17 9.48 22.31 -17.67
N TRP B 18 9.93 23.53 -17.96
CA TRP B 18 9.08 24.48 -18.64
C TRP B 18 9.85 25.50 -19.50
N THR B 19 9.13 26.16 -20.40
CA THR B 19 9.72 27.18 -21.26
C THR B 19 8.84 28.42 -21.24
N GLY B 20 9.47 29.57 -21.43
CA GLY B 20 8.78 30.84 -21.41
C GLY B 20 9.82 31.95 -21.37
N ASN B 21 9.46 33.13 -21.88
CA ASN B 21 10.39 34.26 -21.93
C ASN B 21 10.39 35.05 -20.63
N GLY B 22 11.58 35.45 -20.18
CA GLY B 22 11.67 36.24 -18.97
C GLY B 22 11.83 35.43 -17.69
N LEU B 23 11.64 36.12 -16.56
CA LEU B 23 11.76 35.51 -15.26
C LEU B 23 10.36 35.28 -14.68
N TYR B 24 10.25 34.31 -13.79
CA TYR B 24 8.95 33.98 -13.18
C TYR B 24 9.06 33.59 -11.72
N ASN B 25 7.97 33.78 -11.00
CA ASN B 25 7.90 33.36 -9.61
C ASN B 25 7.12 32.07 -9.66
N ILE B 26 7.64 31.03 -9.01
CA ILE B 26 6.96 29.74 -9.04
C ILE B 26 6.51 29.34 -7.64
N SER B 27 5.23 29.03 -7.51
CA SER B 27 4.68 28.64 -6.21
C SER B 27 3.77 27.42 -6.37
N LEU B 28 3.47 26.76 -5.24
CA LEU B 28 2.65 25.56 -5.30
C LEU B 28 1.57 25.50 -4.22
N ARG B 29 0.39 25.03 -4.61
CA ARG B 29 -0.70 24.89 -3.67
C ARG B 29 -1.18 23.44 -3.63
N ASN B 30 -1.34 22.90 -2.43
CA ASN B 30 -1.82 21.53 -2.25
C ASN B 30 -3.30 21.57 -1.89
N TYR B 31 -4.07 20.62 -2.41
CA TYR B 31 -5.50 20.53 -2.10
C TYR B 31 -5.69 20.52 -0.58
N GLY B 32 -6.64 21.29 -0.09
CA GLY B 32 -6.91 21.31 1.35
C GLY B 32 -6.11 22.30 2.17
N ILE B 33 -5.15 22.96 1.54
CA ILE B 33 -4.30 23.93 2.22
C ILE B 33 -4.51 25.27 1.52
N LYS B 34 -4.85 26.30 2.29
CA LYS B 34 -5.13 27.62 1.74
C LYS B 34 -3.96 28.39 1.10
N THR B 35 -2.80 28.36 1.74
CA THR B 35 -1.67 29.13 1.25
C THR B 35 -0.78 28.53 0.15
N TRP B 36 -0.34 29.41 -0.75
CA TRP B 36 0.56 29.00 -1.82
C TRP B 36 1.96 29.03 -1.22
N GLN B 37 2.76 28.01 -1.53
CA GLN B 37 4.13 27.95 -1.04
C GLN B 37 5.08 28.39 -2.15
N THR B 38 5.78 29.50 -1.93
CA THR B 38 6.72 30.00 -2.93
C THR B 38 7.90 29.03 -3.06
N MET B 39 8.19 28.61 -4.28
CA MET B 39 9.29 27.68 -4.47
C MET B 39 10.51 28.35 -5.12
N TYR B 40 10.27 29.20 -6.11
CA TYR B 40 11.34 29.91 -6.80
C TYR B 40 10.94 31.34 -7.09
N THR B 41 11.91 32.26 -6.98
CA THR B 41 11.65 33.68 -7.22
C THR B 41 12.49 34.21 -8.41
N ASN B 42 11.81 34.87 -9.34
CA ASN B 42 12.46 35.45 -10.52
C ASN B 42 13.45 34.52 -11.19
N VAL B 43 12.97 33.37 -11.67
CA VAL B 43 13.84 32.42 -12.34
C VAL B 43 13.47 32.24 -13.79
N PRO B 44 14.46 31.92 -14.64
CA PRO B 44 14.29 31.71 -16.08
C PRO B 44 13.92 30.26 -16.39
N GLU B 45 13.39 30.04 -17.59
CA GLU B 45 12.98 28.70 -18.03
C GLU B 45 14.06 27.66 -17.78
N GLY B 46 13.65 26.40 -17.63
CA GLY B 46 14.58 25.32 -17.38
C GLY B 46 13.95 24.18 -16.61
N THR B 47 14.77 23.38 -15.94
CA THR B 47 14.29 22.25 -15.15
C THR B 47 14.59 22.54 -13.69
N TYR B 48 13.55 22.49 -12.87
CA TYR B 48 13.69 22.79 -11.45
C TYR B 48 13.16 21.69 -10.55
N ASP B 49 13.93 21.37 -9.51
CA ASP B 49 13.53 20.36 -8.55
C ASP B 49 12.57 20.98 -7.55
N ILE B 50 11.40 20.35 -7.36
CA ILE B 50 10.46 20.87 -6.38
C ILE B 50 10.09 19.80 -5.36
N SER B 51 11.01 18.85 -5.15
CA SER B 51 10.80 17.77 -4.18
C SER B 51 10.41 18.33 -2.82
N GLY B 52 9.40 17.73 -2.19
CA GLY B 52 8.98 18.17 -0.88
C GLY B 52 7.80 19.13 -0.84
N PHE B 53 7.56 19.85 -1.93
CA PHE B 53 6.46 20.80 -1.95
C PHE B 53 5.11 20.12 -2.20
N PRO B 54 5.03 19.22 -3.19
CA PRO B 54 3.74 18.55 -3.43
C PRO B 54 3.48 17.58 -2.27
N ASN B 55 2.24 17.49 -1.79
CA ASN B 55 1.96 16.53 -0.72
C ASN B 55 1.91 15.14 -1.34
N ASN B 56 2.33 14.15 -0.57
CA ASN B 56 2.30 12.78 -1.06
C ASN B 56 0.93 12.17 -0.76
N ASP B 57 -0.04 12.48 -1.61
CA ASP B 57 -1.38 11.95 -1.44
C ASP B 57 -2.06 11.76 -2.79
N PHE B 58 -3.36 11.47 -2.75
CA PHE B 58 -4.12 11.22 -3.97
C PHE B 58 -4.93 12.41 -4.45
N VAL B 59 -4.78 13.54 -3.77
CA VAL B 59 -5.50 14.74 -4.18
C VAL B 59 -4.51 15.65 -4.93
N SER B 60 -5.06 16.56 -5.73
CA SER B 60 -4.24 17.45 -6.55
C SER B 60 -3.42 18.54 -5.90
N PHE B 61 -2.52 19.10 -6.72
CA PHE B 61 -1.69 20.22 -6.33
C PHE B 61 -1.59 21.05 -7.61
N TRP B 62 -1.38 22.34 -7.44
CA TRP B 62 -1.27 23.27 -8.57
C TRP B 62 0.04 24.01 -8.49
N VAL B 63 0.69 24.15 -9.65
CA VAL B 63 1.96 24.89 -9.73
C VAL B 63 1.62 26.20 -10.43
N LYS B 64 1.83 27.31 -9.76
CA LYS B 64 1.52 28.60 -10.35
C LYS B 64 2.75 29.39 -10.82
N PHE B 65 2.64 29.94 -12.03
CA PHE B 65 3.72 30.74 -12.62
C PHE B 65 3.25 32.18 -12.71
N GLU B 66 4.04 33.09 -12.19
CA GLU B 66 3.66 34.51 -12.25
C GLU B 66 4.78 35.40 -12.78
N GLN B 67 4.39 36.37 -13.60
CA GLN B 67 5.31 37.35 -14.17
C GLN B 67 4.51 38.64 -14.26
N GLY B 68 4.71 39.53 -13.30
CA GLY B 68 3.97 40.78 -13.31
C GLY B 68 2.49 40.48 -13.08
N ASP B 69 1.66 40.80 -14.06
CA ASP B 69 0.22 40.55 -13.95
C ASP B 69 -0.15 39.21 -14.58
N TYR B 70 0.78 38.63 -15.33
CA TYR B 70 0.54 37.34 -15.95
C TYR B 70 0.51 36.27 -14.86
N LYS B 71 -0.35 35.27 -15.04
CA LYS B 71 -0.48 34.20 -14.07
C LYS B 71 -1.11 32.99 -14.71
N VAL B 72 -0.56 31.80 -14.46
CA VAL B 72 -1.10 30.58 -15.01
C VAL B 72 -0.87 29.45 -14.00
N ASP B 73 -1.88 28.61 -13.82
CA ASP B 73 -1.79 27.49 -12.89
C ASP B 73 -1.74 26.17 -13.63
N LYS B 74 -0.83 25.31 -13.24
CA LYS B 74 -0.69 24.01 -13.86
C LYS B 74 -1.20 22.93 -12.91
N TYR B 75 -2.24 22.23 -13.35
CA TYR B 75 -2.89 21.18 -12.58
C TYR B 75 -2.21 19.82 -12.69
N CYS B 76 -2.18 19.09 -11.58
CA CYS B 76 -1.64 17.74 -11.54
C CYS B 76 -2.62 16.95 -10.67
N THR B 77 -2.91 15.72 -11.07
CA THR B 77 -3.87 14.89 -10.35
C THR B 77 -3.56 14.51 -8.90
N GLY B 78 -2.31 14.20 -8.62
CA GLY B 78 -1.94 13.79 -7.27
C GLY B 78 -0.64 13.02 -7.38
N LEU B 79 0.33 13.36 -6.54
CA LEU B 79 1.63 12.72 -6.59
C LEU B 79 1.63 11.20 -6.45
N CYS B 80 0.80 10.65 -5.57
CA CYS B 80 0.78 9.19 -5.42
C CYS B 80 0.37 8.52 -6.73
N ILE B 81 -0.44 9.22 -7.52
CA ILE B 81 -0.89 8.70 -8.79
C ILE B 81 0.15 8.87 -9.89
N GLU B 82 0.81 10.03 -9.90
CA GLU B 82 1.81 10.35 -10.92
C GLU B 82 3.21 9.78 -10.72
N VAL B 83 3.62 9.60 -9.47
CA VAL B 83 4.97 9.12 -9.21
C VAL B 83 5.31 7.78 -9.86
N LYS B 84 6.52 7.71 -10.40
CA LYS B 84 7.03 6.49 -11.03
C LYS B 84 8.03 5.93 -10.03
N ILE B 85 8.13 4.60 -9.96
CA ILE B 85 9.03 3.95 -9.02
C ILE B 85 10.18 3.30 -9.77
N GLY B 86 11.39 3.66 -9.39
CA GLY B 86 12.57 3.11 -10.03
C GLY B 86 12.80 1.66 -9.66
N PRO B 87 13.81 1.01 -10.29
CA PRO B 87 14.13 -0.40 -10.02
C PRO B 87 14.82 -0.61 -8.68
N PRO B 88 14.73 -1.84 -8.13
CA PRO B 88 15.39 -2.11 -6.85
C PRO B 88 16.85 -2.45 -7.13
N THR B 89 17.63 -2.67 -6.09
CA THR B 89 19.03 -3.04 -6.23
C THR B 89 19.21 -4.45 -5.66
N VAL B 90 19.84 -5.34 -6.43
CA VAL B 90 20.07 -6.70 -5.96
C VAL B 90 21.54 -7.00 -5.67
N THR B 91 21.78 -7.71 -4.57
CA THR B 91 23.12 -8.08 -4.14
C THR B 91 23.15 -9.57 -3.78
N LEU B 92 24.19 -10.25 -4.22
CA LEU B 92 24.38 -11.68 -3.95
C LEU B 92 25.62 -11.82 -3.08
N THR B 93 25.47 -12.44 -1.91
CA THR B 93 26.57 -12.64 -0.98
C THR B 93 26.75 -14.12 -0.66
N GLU B 94 27.99 -14.60 -0.66
CA GLU B 94 28.21 -16.02 -0.37
C GLU B 94 28.60 -16.25 1.08
N TYR B 95 28.03 -17.30 1.66
CA TYR B 95 28.31 -17.70 3.03
C TYR B 95 28.79 -19.14 3.01
N ASP B 96 29.27 -19.63 4.14
CA ASP B 96 29.78 -20.99 4.22
C ASP B 96 28.75 -22.04 3.80
N ASP B 97 27.51 -21.88 4.24
CA ASP B 97 26.48 -22.88 3.92
C ASP B 97 25.25 -22.39 3.14
N HIS B 98 25.37 -21.26 2.44
CA HIS B 98 24.25 -20.77 1.65
C HIS B 98 24.58 -19.47 0.94
N ILE B 99 23.69 -19.09 0.03
CA ILE B 99 23.85 -17.85 -0.72
C ILE B 99 22.71 -16.92 -0.33
N ASN B 100 23.04 -15.65 -0.10
CA ASN B 100 22.03 -14.69 0.25
C ASN B 100 21.73 -13.71 -0.88
N LEU B 101 20.45 -13.56 -1.20
CA LEU B 101 20.00 -12.61 -2.20
C LEU B 101 19.40 -11.47 -1.41
N TYR B 102 19.89 -10.26 -1.64
CA TYR B 102 19.34 -9.11 -0.94
C TYR B 102 18.79 -8.11 -1.94
N ILE B 103 17.51 -7.77 -1.78
CA ILE B 103 16.86 -6.82 -2.66
C ILE B 103 16.62 -5.55 -1.87
N GLU B 104 17.29 -4.47 -2.27
CA GLU B 104 17.13 -3.19 -1.60
C GLU B 104 16.02 -2.42 -2.32
N HIS B 105 15.06 -1.92 -1.54
CA HIS B 105 13.95 -1.17 -2.09
C HIS B 105 14.37 0.13 -2.77
N PRO B 106 13.59 0.57 -3.76
CA PRO B 106 13.92 1.82 -4.44
C PRO B 106 13.81 2.84 -3.29
N TYR B 107 14.59 3.92 -3.33
CA TYR B 107 14.51 4.88 -2.24
C TYR B 107 14.35 6.32 -2.69
N ALA B 108 13.81 7.13 -1.80
CA ALA B 108 13.63 8.56 -2.04
C ALA B 108 14.82 9.22 -1.36
N THR B 109 15.33 10.29 -1.96
CA THR B 109 16.46 10.99 -1.36
C THR B 109 16.03 12.36 -0.85
N ARG B 110 15.80 12.45 0.46
CA ARG B 110 15.41 13.71 1.08
C ARG B 110 16.67 14.41 1.56
N GLY B 111 17.38 15.04 0.62
CA GLY B 111 18.60 15.72 0.96
C GLY B 111 19.81 14.80 0.83
N SER B 112 20.22 14.25 1.96
CA SER B 112 21.35 13.33 2.01
C SER B 112 20.88 11.99 2.54
N LYS B 113 19.69 11.98 3.11
CA LYS B 113 19.10 10.77 3.69
C LYS B 113 18.41 9.95 2.61
N LYS B 114 18.60 8.64 2.65
CA LYS B 114 17.96 7.74 1.70
C LYS B 114 16.80 7.10 2.42
N ILE B 115 15.58 7.38 1.97
CA ILE B 115 14.38 6.83 2.59
C ILE B 115 13.78 5.72 1.73
N PRO B 116 13.83 4.47 2.22
CA PRO B 116 13.27 3.34 1.48
C PRO B 116 11.79 3.49 1.22
N ILE B 117 11.37 3.24 0.00
CA ILE B 117 9.96 3.34 -0.34
C ILE B 117 9.32 1.99 0.00
N TYR B 118 8.86 1.87 1.24
CA TYR B 118 8.24 0.63 1.72
C TYR B 118 7.30 0.89 2.89
N LYS B 119 6.00 0.78 2.62
CA LYS B 119 4.97 0.95 3.64
C LYS B 119 5.06 2.21 4.53
N ARG B 120 5.51 3.31 3.96
CA ARG B 120 5.62 4.56 4.74
C ARG B 120 4.37 5.41 4.58
N ASN B 121 3.80 5.84 5.69
CA ASN B 121 2.61 6.69 5.67
C ASN B 121 2.89 8.02 4.97
N ASP B 122 4.13 8.47 5.00
CA ASP B 122 4.45 9.73 4.35
C ASP B 122 4.76 9.55 2.87
N MET B 123 4.66 8.32 2.39
CA MET B 123 4.89 8.05 0.97
C MET B 123 3.85 7.11 0.37
N CYS B 124 2.59 7.46 0.56
CA CYS B 124 1.45 6.72 0.00
C CYS B 124 1.29 5.27 0.49
N ASP B 125 2.10 4.84 1.46
CA ASP B 125 2.05 3.47 1.97
C ASP B 125 2.35 2.47 0.86
N ILE B 126 3.11 2.94 -0.12
CA ILE B 126 3.51 2.12 -1.26
C ILE B 126 4.55 1.07 -0.85
N TYR B 127 4.41 -0.13 -1.40
CA TYR B 127 5.37 -1.18 -1.17
C TYR B 127 5.29 -2.12 -2.36
N LEU B 128 6.44 -2.62 -2.78
CA LEU B 128 6.52 -3.49 -3.94
C LEU B 128 6.53 -4.99 -3.61
N LEU B 129 5.87 -5.75 -4.48
CA LEU B 129 5.85 -7.20 -4.38
C LEU B 129 6.86 -7.55 -5.46
N TYR B 130 7.93 -8.22 -5.08
CA TYR B 130 8.99 -8.56 -6.01
C TYR B 130 8.95 -9.93 -6.68
N THR B 131 9.47 -9.97 -7.90
CA THR B 131 9.59 -11.19 -8.68
C THR B 131 11.05 -11.24 -9.10
N ALA B 132 11.70 -12.36 -8.86
CA ALA B 132 13.10 -12.50 -9.22
C ALA B 132 13.28 -13.58 -10.28
N ASN B 133 14.15 -13.30 -11.25
CA ASN B 133 14.46 -14.25 -12.30
C ASN B 133 15.81 -14.82 -11.98
N PHE B 134 15.83 -16.11 -11.66
CA PHE B 134 17.06 -16.82 -11.31
C PHE B 134 17.62 -17.57 -12.51
N THR B 135 18.89 -17.35 -12.79
CA THR B 135 19.56 -18.04 -13.88
C THR B 135 20.63 -18.93 -13.24
N PHE B 136 20.44 -20.24 -13.32
CA PHE B 136 21.38 -21.21 -12.76
C PHE B 136 22.28 -21.83 -13.82
N GLY B 137 23.59 -21.77 -13.59
CA GLY B 137 24.54 -22.31 -14.54
C GLY B 137 24.46 -21.65 -15.90
N ASP B 138 24.22 -22.44 -16.94
CA ASP B 138 24.11 -21.92 -18.29
C ASP B 138 22.74 -22.23 -18.89
N SER B 139 21.74 -22.31 -18.03
CA SER B 139 20.38 -22.59 -18.46
C SER B 139 19.80 -21.43 -19.25
N GLU B 140 18.91 -21.73 -20.18
CA GLU B 140 18.28 -20.72 -21.00
C GLU B 140 16.85 -20.53 -20.52
N GLU B 141 16.49 -21.27 -19.48
CA GLU B 141 15.16 -21.21 -18.89
C GLU B 141 15.26 -20.67 -17.46
N PRO B 142 15.18 -19.34 -17.30
CA PRO B 142 15.26 -18.74 -15.97
C PRO B 142 14.14 -19.21 -15.05
N VAL B 143 14.44 -19.35 -13.77
CA VAL B 143 13.43 -19.77 -12.80
C VAL B 143 12.75 -18.51 -12.26
N ILE B 144 11.42 -18.51 -12.25
CA ILE B 144 10.66 -17.38 -11.75
C ILE B 144 10.33 -17.61 -10.28
N TYR B 145 10.81 -16.72 -9.42
CA TYR B 145 10.60 -16.82 -7.98
C TYR B 145 9.93 -15.57 -7.41
N ASP B 146 8.74 -15.75 -6.83
CA ASP B 146 8.02 -14.64 -6.22
C ASP B 146 8.43 -14.47 -4.76
N ILE B 147 9.01 -13.32 -4.44
CA ILE B 147 9.45 -13.02 -3.09
C ILE B 147 8.27 -12.82 -2.15
N ASP B 148 8.31 -13.51 -1.01
CA ASP B 148 7.25 -13.41 0.01
C ASP B 148 7.52 -12.12 0.79
N ASP B 149 6.50 -11.28 0.92
CA ASP B 149 6.67 -10.04 1.66
C ASP B 149 7.12 -10.28 3.11
N TYR B 150 6.86 -11.48 3.65
CA TYR B 150 7.30 -11.78 5.01
C TYR B 150 8.83 -11.78 5.11
N ASP B 151 9.50 -11.85 3.97
CA ASP B 151 10.97 -11.82 3.96
C ASP B 151 11.51 -10.40 3.77
N CYS B 152 10.63 -9.41 3.81
CA CYS B 152 11.03 -8.02 3.61
C CYS B 152 10.84 -7.13 4.83
N THR B 153 11.73 -6.15 4.96
CA THR B 153 11.69 -5.18 6.05
C THR B 153 11.66 -3.81 5.40
N SER B 154 11.74 -2.76 6.20
CA SER B 154 11.76 -1.40 5.68
C SER B 154 12.95 -1.16 4.78
N THR B 155 14.00 -1.94 4.97
CA THR B 155 15.21 -1.78 4.16
C THR B 155 15.21 -2.57 2.86
N GLY B 156 14.81 -3.83 2.93
CA GLY B 156 14.78 -4.65 1.75
C GLY B 156 14.34 -6.06 2.05
N CYS B 157 14.51 -6.96 1.09
CA CYS B 157 14.11 -8.35 1.26
C CYS B 157 15.35 -9.24 1.28
N SER B 158 15.30 -10.29 2.08
CA SER B 158 16.42 -11.20 2.22
C SER B 158 15.99 -12.64 1.97
N ILE B 159 16.65 -13.29 1.02
CA ILE B 159 16.35 -14.67 0.66
C ILE B 159 17.62 -15.52 0.70
N ASP B 160 17.62 -16.55 1.54
CA ASP B 160 18.77 -17.44 1.62
C ASP B 160 18.44 -18.69 0.83
N PHE B 161 19.39 -19.14 0.03
CA PHE B 161 19.16 -20.33 -0.77
C PHE B 161 20.48 -21.06 -1.00
N ALA B 162 20.40 -22.25 -1.57
CA ALA B 162 21.62 -23.02 -1.79
C ALA B 162 21.67 -23.71 -3.13
N THR B 163 22.87 -23.70 -3.71
CA THR B 163 23.14 -24.35 -4.98
C THR B 163 24.66 -24.40 -5.05
N THR B 164 25.18 -25.32 -5.86
CA THR B 164 26.63 -25.47 -6.01
C THR B 164 27.14 -24.85 -7.30
N GLU B 165 26.22 -24.44 -8.18
CA GLU B 165 26.64 -23.83 -9.44
C GLU B 165 26.41 -22.32 -9.51
N LYS B 166 26.87 -21.73 -10.59
CA LYS B 166 26.76 -20.29 -10.82
C LYS B 166 25.31 -19.81 -10.87
N VAL B 167 25.05 -18.68 -10.24
CA VAL B 167 23.69 -18.15 -10.24
C VAL B 167 23.68 -16.64 -10.51
N CYS B 168 22.76 -16.21 -11.37
CA CYS B 168 22.62 -14.80 -11.70
C CYS B 168 21.18 -14.43 -11.41
N VAL B 169 20.96 -13.22 -10.91
CA VAL B 169 19.60 -12.80 -10.60
C VAL B 169 19.31 -11.32 -10.87
N MET B 170 18.06 -11.05 -11.21
CA MET B 170 17.59 -9.69 -11.43
C MET B 170 16.16 -9.72 -10.87
N ALA B 171 15.69 -8.58 -10.39
CA ALA B 171 14.36 -8.51 -9.80
C ALA B 171 13.55 -7.30 -10.26
N GLN B 172 12.23 -7.43 -10.19
CA GLN B 172 11.31 -6.37 -10.59
C GLN B 172 10.21 -6.28 -9.54
N GLY B 173 9.73 -5.07 -9.29
CA GLY B 173 8.68 -4.87 -8.31
C GLY B 173 7.38 -4.32 -8.87
N ALA B 174 6.27 -4.66 -8.21
CA ALA B 174 4.95 -4.19 -8.61
C ALA B 174 4.10 -4.02 -7.35
N THR B 175 3.26 -2.99 -7.33
CA THR B 175 2.41 -2.74 -6.17
C THR B 175 1.01 -3.33 -6.33
N GLU B 176 0.58 -3.50 -7.58
CA GLU B 176 -0.77 -4.00 -7.86
C GLU B 176 -1.72 -3.02 -7.17
N GLY B 177 -2.97 -3.41 -6.98
CA GLY B 177 -3.92 -2.52 -6.31
C GLY B 177 -4.26 -1.24 -7.06
N LEU B 178 -4.79 -0.27 -6.33
CA LEU B 178 -5.19 1.02 -6.88
C LEU B 178 -4.06 1.68 -7.66
N LEU B 179 -2.87 1.77 -7.07
CA LEU B 179 -1.73 2.34 -7.77
C LEU B 179 -1.10 1.17 -8.50
N ASP B 180 -1.10 1.22 -9.83
CA ASP B 180 -0.53 0.12 -10.60
C ASP B 180 0.92 0.41 -10.96
N LYS B 181 1.77 0.52 -9.94
CA LYS B 181 3.18 0.81 -10.18
C LYS B 181 3.97 -0.44 -10.54
N ILE B 182 4.73 -0.34 -11.62
CA ILE B 182 5.58 -1.43 -12.06
C ILE B 182 6.94 -0.81 -12.29
N THR B 183 7.96 -1.42 -11.70
CA THR B 183 9.31 -0.94 -11.79
C THR B 183 10.08 -1.56 -12.95
N PRO B 184 11.21 -0.95 -13.34
CA PRO B 184 12.00 -1.52 -14.42
C PRO B 184 12.76 -2.66 -13.77
N TRP B 185 13.33 -3.56 -14.56
CA TRP B 185 14.10 -4.66 -14.00
C TRP B 185 15.41 -4.12 -13.45
N SER B 186 15.88 -4.70 -12.36
CA SER B 186 17.15 -4.26 -11.78
C SER B 186 18.26 -4.78 -12.68
N SER B 187 19.49 -4.38 -12.42
CA SER B 187 20.59 -4.87 -13.21
C SER B 187 20.81 -6.32 -12.74
N GLU B 188 21.45 -7.13 -13.57
CA GLU B 188 21.67 -8.53 -13.19
C GLU B 188 22.99 -8.72 -12.47
N VAL B 189 22.97 -9.55 -11.44
CA VAL B 189 24.18 -9.85 -10.67
C VAL B 189 24.38 -11.37 -10.63
N CYS B 190 25.63 -11.81 -10.64
CA CYS B 190 25.95 -13.22 -10.62
C CYS B 190 26.90 -13.56 -9.49
N LEU B 191 27.02 -14.86 -9.21
CA LEU B 191 27.91 -15.33 -8.17
C LEU B 191 28.15 -16.82 -8.37
N THR B 192 29.39 -17.24 -8.17
CA THR B 192 29.75 -18.64 -8.32
C THR B 192 30.14 -19.13 -6.92
N PRO B 193 29.34 -20.01 -6.34
CA PRO B 193 29.60 -20.54 -5.00
C PRO B 193 30.54 -21.73 -5.03
N LYS B 194 31.05 -22.10 -3.85
CA LYS B 194 31.94 -23.24 -3.72
C LYS B 194 31.12 -24.52 -3.74
N LYS B 195 31.73 -25.61 -4.19
CA LYS B 195 31.06 -26.90 -4.21
C LYS B 195 30.99 -27.37 -2.76
N ASN B 196 29.80 -27.75 -2.31
CA ASN B 196 29.63 -28.22 -0.94
C ASN B 196 28.31 -28.95 -0.80
N VAL B 197 28.19 -29.75 0.26
CA VAL B 197 26.96 -30.48 0.55
C VAL B 197 26.18 -29.50 1.44
N TYR B 198 25.16 -28.86 0.89
CA TYR B 198 24.37 -27.89 1.63
C TYR B 198 23.18 -28.53 2.30
N THR B 199 23.21 -28.55 3.63
CA THR B 199 22.17 -29.16 4.45
C THR B 199 21.45 -28.16 5.35
N CYS B 200 20.35 -28.59 5.95
CA CYS B 200 19.57 -27.74 6.85
C CYS B 200 19.01 -28.51 8.03
N ALA B 201 18.82 -27.83 9.15
CA ALA B 201 18.26 -28.48 10.35
C ALA B 201 16.77 -28.72 10.18
N ILE B 202 16.05 -27.68 9.74
CA ILE B 202 14.60 -27.79 9.51
C ILE B 202 14.27 -27.04 8.23
N ARG B 203 14.05 -27.82 7.18
CA ARG B 203 13.78 -27.33 5.83
C ARG B 203 12.42 -26.65 5.66
N SER B 204 11.39 -27.19 6.28
CA SER B 204 10.06 -26.63 6.15
C SER B 204 9.16 -27.24 7.22
N LYS B 205 7.87 -26.92 7.17
CA LYS B 205 6.92 -27.44 8.13
C LYS B 205 6.84 -28.98 8.01
N GLU B 206 6.86 -29.46 6.77
CA GLU B 206 6.78 -30.90 6.52
C GLU B 206 8.03 -31.66 6.97
N ASP B 207 9.10 -30.93 7.25
CA ASP B 207 10.35 -31.55 7.68
C ASP B 207 10.48 -31.67 9.21
N VAL B 208 9.52 -31.13 9.95
CA VAL B 208 9.59 -31.20 11.41
C VAL B 208 9.56 -32.65 11.94
N PRO B 209 8.73 -33.52 11.35
CA PRO B 209 8.70 -34.90 11.84
C PRO B 209 10.08 -35.57 11.73
N ASN B 210 10.86 -35.19 10.72
CA ASN B 210 12.20 -35.75 10.55
C ASN B 210 13.11 -35.16 11.62
N PHE B 211 12.91 -33.88 11.93
CA PHE B 211 13.70 -33.22 12.95
C PHE B 211 13.45 -33.91 14.29
N LYS B 212 12.17 -34.19 14.57
CA LYS B 212 11.80 -34.84 15.81
C LYS B 212 12.38 -36.25 15.88
N GLU B 213 12.29 -37.00 14.79
CA GLU B 213 12.81 -38.36 14.73
C GLU B 213 14.31 -38.37 15.02
N LYS B 214 15.05 -37.50 14.36
CA LYS B 214 16.49 -37.42 14.55
C LYS B 214 16.85 -37.02 15.99
N MET B 215 16.24 -35.95 16.49
CA MET B 215 16.54 -35.49 17.84
C MET B 215 16.18 -36.54 18.91
N THR B 216 15.17 -37.35 18.64
CA THR B 216 14.79 -38.39 19.59
C THR B 216 15.95 -39.38 19.69
N ARG B 217 16.53 -39.67 18.53
CA ARG B 217 17.67 -40.58 18.40
C ARG B 217 18.90 -39.99 19.08
N VAL B 218 19.12 -38.69 18.88
CA VAL B 218 20.27 -38.03 19.50
C VAL B 218 20.16 -38.05 21.02
N ILE B 219 18.97 -37.74 21.54
CA ILE B 219 18.77 -37.72 22.98
C ILE B 219 19.01 -39.11 23.58
N LYS B 220 18.50 -40.14 22.91
CA LYS B 220 18.64 -41.51 23.37
C LYS B 220 20.11 -41.96 23.42
N ARG B 221 20.91 -41.55 22.45
CA ARG B 221 22.31 -41.94 22.42
C ARG B 221 23.21 -41.05 23.27
N LYS B 222 22.85 -39.79 23.38
CA LYS B 222 23.66 -38.82 24.11
C LYS B 222 23.55 -38.77 25.63
N PHE B 223 22.34 -38.95 26.16
CA PHE B 223 22.14 -38.86 27.61
C PHE B 223 21.88 -40.20 28.26
N ASN B 224 21.98 -40.27 29.58
CA ASN B 224 21.71 -41.53 30.27
C ASN B 224 20.21 -41.82 30.24
N LYS B 225 19.85 -43.08 30.47
CA LYS B 225 18.46 -43.52 30.44
C LYS B 225 17.49 -42.64 31.24
N GLN B 226 17.86 -42.29 32.45
CA GLN B 226 17.02 -41.48 33.32
C GLN B 226 16.53 -40.16 32.72
N SER B 227 17.43 -39.43 32.06
CA SER B 227 17.04 -38.16 31.49
C SER B 227 16.33 -38.28 30.13
N HIS B 228 16.44 -39.46 29.51
CA HIS B 228 15.82 -39.75 28.20
C HIS B 228 14.39 -39.27 28.06
N SER B 229 13.51 -39.90 28.84
CA SER B 229 12.09 -39.62 28.80
C SER B 229 11.70 -38.15 28.96
N TYR B 230 12.34 -37.45 29.90
CA TYR B 230 12.03 -36.05 30.15
C TYR B 230 12.40 -35.19 28.95
N LEU B 231 13.65 -35.32 28.50
CA LEU B 231 14.13 -34.55 27.37
C LEU B 231 13.29 -34.81 26.12
N THR B 232 12.87 -36.06 25.94
CA THR B 232 12.06 -36.42 24.79
C THR B 232 10.66 -35.82 24.86
N LYS B 233 10.11 -35.65 26.07
CA LYS B 233 8.80 -35.05 26.20
C LYS B 233 8.88 -33.57 25.82
N PHE B 234 9.96 -32.89 26.22
CA PHE B 234 10.13 -31.48 25.89
C PHE B 234 10.35 -31.32 24.38
N LEU B 235 11.00 -32.30 23.77
CA LEU B 235 11.24 -32.28 22.33
C LEU B 235 9.89 -32.35 21.63
N GLY B 236 8.98 -33.12 22.19
CA GLY B 236 7.66 -33.26 21.62
C GLY B 236 6.89 -31.97 21.61
N SER B 237 6.96 -31.22 22.71
CA SER B 237 6.25 -29.95 22.80
C SER B 237 6.91 -28.89 21.93
N THR B 238 8.23 -28.88 21.85
CA THR B 238 8.94 -27.91 21.03
C THR B 238 8.68 -28.16 19.53
N SER B 239 8.57 -29.44 19.15
CA SER B 239 8.30 -29.80 17.77
C SER B 239 6.92 -29.34 17.34
N ASN B 240 5.96 -29.47 18.25
CA ASN B 240 4.59 -29.04 17.99
C ASN B 240 4.57 -27.53 17.81
N ASP B 241 5.32 -26.83 18.65
CA ASP B 241 5.40 -25.37 18.60
C ASP B 241 6.09 -24.85 17.34
N ILE B 242 7.15 -25.52 16.89
CA ILE B 242 7.85 -25.08 15.68
C ILE B 242 6.85 -25.19 14.53
N THR B 243 6.10 -26.29 14.51
CA THR B 243 5.09 -26.53 13.49
C THR B 243 4.02 -25.44 13.52
N THR B 244 3.61 -25.07 14.72
CA THR B 244 2.60 -24.04 14.89
C THR B 244 3.08 -22.71 14.32
N PHE B 245 4.32 -22.35 14.63
CA PHE B 245 4.86 -21.10 14.12
C PHE B 245 4.99 -21.16 12.58
N LEU B 246 5.53 -22.26 12.07
CA LEU B 246 5.68 -22.38 10.62
C LEU B 246 4.34 -22.33 9.91
N SER B 247 3.28 -22.79 10.57
CA SER B 247 1.96 -22.78 9.96
C SER B 247 1.47 -21.34 9.74
N MET B 248 2.08 -20.39 10.44
CA MET B 248 1.70 -18.98 10.29
C MET B 248 2.12 -18.47 8.91
N LEU B 249 2.99 -19.22 8.24
CA LEU B 249 3.46 -18.86 6.91
C LEU B 249 2.62 -19.53 5.83
N ASP B 250 1.61 -20.30 6.23
CA ASP B 250 0.73 -20.97 5.28
C ASP B 250 -0.07 -19.95 4.47
C1 NAG C . 7.99 37.92 -7.82
C2 NAG C . 7.77 39.07 -8.81
C3 NAG C . 8.33 40.39 -8.27
C4 NAG C . 7.86 40.63 -6.84
C5 NAG C . 8.15 39.42 -5.97
C6 NAG C . 7.64 39.58 -4.54
C7 NAG C . 7.71 38.54 -11.16
C8 NAG C . 8.43 37.90 -12.35
N2 NAG C . 8.44 38.75 -10.06
O3 NAG C . 7.90 41.46 -9.10
O4 NAG C . 8.54 41.79 -6.30
O5 NAG C . 7.49 38.27 -6.53
O6 NAG C . 6.27 39.93 -4.51
O7 NAG C . 6.52 38.84 -11.25
C1 NAG C . 7.72 42.81 -5.85
C2 NAG C . 8.54 43.79 -5.02
C3 NAG C . 7.68 45.00 -4.63
C4 NAG C . 7.03 45.61 -5.88
C5 NAG C . 6.26 44.53 -6.64
C6 NAG C . 5.67 45.07 -7.94
C7 NAG C . 10.35 42.94 -3.68
C8 NAG C . 10.93 43.26 -2.31
N2 NAG C . 9.03 43.13 -3.83
O3 NAG C . 8.50 45.98 -3.99
O4 NAG C . 6.14 46.67 -5.50
O5 NAG C . 7.15 43.46 -7.00
O6 NAG C . 6.67 45.20 -8.94
O7 NAG C . 11.08 42.54 -4.58
C1 BMA C . 6.58 47.96 -5.78
C2 BMA C . 5.39 48.85 -6.13
C3 BMA C . 5.87 50.29 -6.34
C4 BMA C . 6.65 50.77 -5.13
C5 BMA C . 7.79 49.79 -4.81
C6 BMA C . 8.55 50.15 -3.55
O2 BMA C . 4.44 48.82 -5.06
O3 BMA C . 4.77 51.14 -6.58
O4 BMA C . 7.19 52.05 -5.37
O5 BMA C . 7.26 48.46 -4.61
O6 BMA C . 7.67 50.51 -2.49
P PO4 D . -7.32 27.65 -11.77
O1 PO4 D . -6.82 26.25 -11.63
O2 PO4 D . -7.14 28.36 -10.48
O3 PO4 D . -8.75 27.63 -12.13
O4 PO4 D . -6.54 28.34 -12.82
C1 NAG E . 12.18 -13.74 -16.62
C2 NAG E . 12.78 -12.95 -17.80
C3 NAG E . 11.74 -12.74 -18.91
C4 NAG E . 11.05 -14.04 -19.28
C5 NAG E . 10.47 -14.69 -18.02
C6 NAG E . 9.78 -16.01 -18.29
C7 NAG E . 13.89 -10.84 -18.13
C8 NAG E . 13.09 -9.70 -18.76
N2 NAG E . 13.25 -11.67 -17.32
O3 NAG E . 12.38 -12.22 -20.07
O4 NAG E . 10.00 -13.79 -20.20
O5 NAG E . 11.54 -14.94 -17.08
O6 NAG E . 9.87 -16.39 -19.66
O7 NAG E . 15.09 -10.96 -18.41
P PO4 F . 8.61 -24.62 23.62
O1 PO4 F . 9.89 -25.20 23.27
O2 PO4 F . 8.72 -23.44 24.53
O3 PO4 F . 7.69 -25.73 24.22
O4 PO4 F . 7.99 -24.19 22.27
P PO4 G . 21.40 -33.49 7.64
O1 PO4 G . 22.10 -33.10 6.38
O2 PO4 G . 20.60 -32.35 8.14
O3 PO4 G . 22.40 -33.90 8.66
O4 PO4 G . 20.50 -34.65 7.34
#